data_6IJ1
#
_entry.id   6IJ1
#
_cell.length_a   73.471
_cell.length_b   73.471
_cell.length_c   124.234
_cell.angle_alpha   90.000
_cell.angle_beta   90.000
_cell.angle_gamma   120.000
#
_symmetry.space_group_name_H-M   'P 31 2 1'
#
loop_
_entity.id
_entity.type
_entity.pdbx_description
1 polymer Prenylcyclase
2 non-polymer IMIDAZOLE
3 non-polymer 'ACETATE ION'
4 water water
#
_entity_poly.entity_id   1
_entity_poly.type   'polypeptide(L)'
_entity_poly.pdbx_seq_one_letter_code
;MTEAMVHVDEASAVRRGVDFLLDRREADGRWVDYDLLGPSDDWITAYVAGVLVQLPHEAAGRAGRAAMDLLVPEQHDNGG
WNYSEVAPEDADSTGWVLRLAELLGRSGEPWARPGWEFLARHVHDDGLVSTYVPDLAKAAFDRYPVVPSWDGWCGGHVCV
TAAVAGLAGLPRREHVVNGLLRAQRPTGEWPAYWWIDPELSTALAVESLATVPGTEPARAAAARWAAGRIGADGAVTTHL
HPEGSPFATALALRAVAQGEPGFGDAQIRAAAGWLTRHQRPDGSWTPSARLRMVLPWETDPDSYEDWTFDGVGRACLGTI
ARDTFGLHTTATVLQALRTAATRTGA
;
_entity_poly.pdbx_strand_id   A
#
# COMPACT_ATOMS: atom_id res chain seq x y z
N ASP A 9 19.22 3.67 18.09
CA ASP A 9 18.85 2.31 17.61
C ASP A 9 17.82 2.44 16.50
N GLU A 10 16.59 2.84 16.84
CA GLU A 10 15.59 3.02 15.79
C GLU A 10 15.88 4.25 14.92
N ALA A 11 16.40 5.33 15.50
CA ALA A 11 16.87 6.44 14.67
C ALA A 11 17.98 5.99 13.70
N SER A 12 18.89 5.16 14.18
CA SER A 12 19.92 4.63 13.30
C SER A 12 19.31 3.72 12.22
N ALA A 13 18.38 2.87 12.61
CA ALA A 13 17.72 2.03 11.62
C ALA A 13 17.08 2.87 10.55
N VAL A 14 16.37 3.95 10.93
CA VAL A 14 15.72 4.79 9.93
C VAL A 14 16.76 5.40 9.00
N ARG A 15 17.82 5.98 9.58
CA ARG A 15 18.87 6.55 8.75
C ARG A 15 19.43 5.55 7.75
N ARG A 16 19.71 4.32 8.22
CA ARG A 16 20.28 3.31 7.31
C ARG A 16 19.28 2.87 6.23
N GLY A 17 17.98 2.85 6.56
CA GLY A 17 16.97 2.53 5.57
C GLY A 17 16.82 3.62 4.54
N VAL A 18 16.94 4.89 5.00
CA VAL A 18 16.95 6.00 4.06
C VAL A 18 18.13 5.91 3.10
N ASP A 19 19.33 5.63 3.62
CA ASP A 19 20.48 5.47 2.73
C ASP A 19 20.25 4.34 1.74
N PHE A 20 19.68 3.20 2.18
CA PHE A 20 19.37 2.13 1.22
C PHE A 20 18.47 2.65 0.11
N LEU A 21 17.38 3.36 0.47
CA LEU A 21 16.45 3.76 -0.57
C LEU A 21 17.04 4.83 -1.49
N LEU A 22 17.77 5.80 -0.93
CA LEU A 22 18.41 6.80 -1.79
C LEU A 22 19.44 6.16 -2.71
N ASP A 23 20.20 5.17 -2.22
CA ASP A 23 21.18 4.50 -3.09
C ASP A 23 20.52 3.69 -4.18
N ARG A 24 19.26 3.30 -4.02
CA ARG A 24 18.58 2.52 -5.05
C ARG A 24 17.76 3.38 -6.01
N ARG A 25 17.86 4.70 -5.94
CA ARG A 25 17.27 5.55 -6.99
C ARG A 25 17.82 5.22 -8.37
N GLU A 26 16.97 5.29 -9.36
CA GLU A 26 17.40 5.34 -10.76
C GLU A 26 18.14 6.66 -10.99
N ALA A 27 18.77 6.76 -12.17
CA ALA A 27 19.58 7.95 -12.46
C ALA A 27 18.73 9.21 -12.45
N ASP A 28 17.47 9.11 -12.91
CA ASP A 28 16.61 10.29 -12.92
C ASP A 28 15.89 10.54 -11.60
N GLY A 29 16.10 9.71 -10.58
CA GLY A 29 15.48 9.92 -9.28
C GLY A 29 14.33 8.99 -8.96
N ARG A 30 13.85 8.20 -9.93
CA ARG A 30 12.68 7.37 -9.68
C ARG A 30 13.10 6.09 -8.94
N TRP A 31 12.11 5.38 -8.40
CA TRP A 31 12.36 4.06 -7.83
C TRP A 31 11.52 3.04 -8.59
N VAL A 32 12.06 1.83 -8.75
CA VAL A 32 11.30 0.74 -9.38
C VAL A 32 11.39 -0.51 -8.49
N ASP A 33 10.35 -1.31 -8.53
CA ASP A 33 10.37 -2.57 -7.78
C ASP A 33 9.36 -3.51 -8.41
N TYR A 34 9.40 -4.77 -7.94
CA TYR A 34 8.61 -5.88 -8.48
C TYR A 34 9.12 -6.28 -9.86
N ASP A 35 8.64 -7.41 -10.34
CA ASP A 35 9.13 -7.95 -11.59
C ASP A 35 8.03 -8.64 -12.35
N LEU A 36 6.78 -8.32 -12.10
CA LEU A 36 5.65 -9.04 -12.70
C LEU A 36 5.69 -9.01 -14.21
N LEU A 37 6.02 -7.85 -14.78
CA LEU A 37 6.05 -7.64 -16.23
C LEU A 37 7.00 -6.47 -16.40
N GLY A 38 8.24 -6.75 -16.01
CA GLY A 38 9.18 -5.64 -15.80
C GLY A 38 8.84 -5.00 -14.45
N PRO A 39 9.62 -4.04 -13.95
CA PRO A 39 9.30 -3.44 -12.66
C PRO A 39 8.25 -2.33 -12.76
N SER A 40 7.68 -1.98 -11.61
CA SER A 40 6.71 -0.86 -11.55
C SER A 40 7.52 0.42 -11.41
N ASP A 41 7.09 1.50 -12.06
CA ASP A 41 7.78 2.80 -11.87
C ASP A 41 6.90 3.78 -11.10
N ASP A 42 5.76 4.17 -11.66
CA ASP A 42 4.90 5.23 -11.02
C ASP A 42 4.41 4.81 -9.63
N TRP A 43 3.81 3.63 -9.52
CA TRP A 43 3.32 3.18 -8.22
C TRP A 43 4.42 3.17 -7.19
N ILE A 44 5.55 2.49 -7.50
CA ILE A 44 6.60 2.36 -6.50
C ILE A 44 7.28 3.69 -6.20
N THR A 45 7.49 4.53 -7.23
CA THR A 45 8.06 5.84 -6.98
C THR A 45 7.19 6.65 -6.03
N ALA A 46 5.88 6.68 -6.30
CA ALA A 46 4.96 7.40 -5.41
C ALA A 46 4.99 6.82 -4.00
N TYR A 47 5.00 5.48 -3.87
CA TYR A 47 4.92 4.86 -2.56
C TYR A 47 6.18 5.15 -1.74
N VAL A 48 7.35 4.99 -2.35
CA VAL A 48 8.61 5.24 -1.63
C VAL A 48 8.72 6.73 -1.26
N ALA A 49 8.40 7.60 -2.25
CA ALA A 49 8.48 9.05 -2.01
C ALA A 49 7.59 9.46 -0.87
N GLY A 50 6.39 8.85 -0.76
CA GLY A 50 5.46 9.25 0.30
C GLY A 50 6.01 8.95 1.68
N VAL A 51 6.76 7.86 1.82
CA VAL A 51 7.38 7.58 3.13
C VAL A 51 8.53 8.56 3.38
N LEU A 52 9.36 8.78 2.35
CA LEU A 52 10.56 9.60 2.53
C LEU A 52 10.18 11.02 2.93
N VAL A 53 9.09 11.59 2.38
CA VAL A 53 8.83 12.99 2.73
C VAL A 53 8.35 13.15 4.16
N GLN A 54 8.05 12.06 4.88
CA GLN A 54 7.62 12.10 6.27
C GLN A 54 8.75 11.86 7.26
N LEU A 55 9.97 11.57 6.80
CA LEU A 55 11.10 11.24 7.66
C LEU A 55 11.92 12.47 7.94
N PRO A 56 12.56 12.54 9.11
CA PRO A 56 13.32 13.75 9.48
C PRO A 56 14.75 13.73 8.94
N HIS A 57 14.87 13.75 7.62
CA HIS A 57 16.17 13.69 6.96
C HIS A 57 16.06 14.55 5.70
N GLU A 58 16.89 15.58 5.60
CA GLU A 58 16.69 16.52 4.51
C GLU A 58 16.84 15.86 3.15
N ALA A 59 17.77 14.91 3.01
CA ALA A 59 17.96 14.26 1.71
C ALA A 59 16.75 13.40 1.32
N ALA A 60 16.09 12.83 2.30
CA ALA A 60 14.85 12.10 2.05
C ALA A 60 13.77 13.01 1.50
N GLY A 61 13.61 14.18 2.12
CA GLY A 61 12.59 15.11 1.66
C GLY A 61 12.88 15.63 0.27
N ARG A 62 14.16 15.90 -0.01
CA ARG A 62 14.54 16.34 -1.35
C ARG A 62 14.23 15.28 -2.40
N ALA A 63 14.53 14.01 -2.08
CA ALA A 63 14.30 12.95 -3.05
C ALA A 63 12.82 12.71 -3.25
N GLY A 64 12.03 12.84 -2.19
CA GLY A 64 10.58 12.68 -2.34
C GLY A 64 9.95 13.79 -3.15
N ARG A 65 10.44 15.04 -2.96
CA ARG A 65 9.92 16.15 -3.77
C ARG A 65 10.35 16.04 -5.23
N ALA A 66 11.59 15.56 -5.48
CA ALA A 66 12.02 15.31 -6.85
C ALA A 66 11.12 14.29 -7.53
N ALA A 67 10.73 13.24 -6.79
CA ALA A 67 9.83 12.22 -7.34
C ALA A 67 8.46 12.78 -7.67
N MET A 68 7.91 13.65 -6.81
CA MET A 68 6.65 14.29 -7.14
C MET A 68 6.75 15.05 -8.46
N ASP A 69 7.87 15.80 -8.63
CA ASP A 69 8.06 16.50 -9.91
C ASP A 69 8.13 15.56 -11.10
N LEU A 70 8.74 14.36 -10.92
CA LEU A 70 8.78 13.39 -12.00
C LEU A 70 7.42 12.80 -12.32
N LEU A 71 6.56 12.64 -11.30
CA LEU A 71 5.31 11.96 -11.50
C LEU A 71 4.28 12.82 -12.21
N VAL A 72 4.28 14.14 -11.95
CA VAL A 72 3.21 14.96 -12.52
C VAL A 72 3.11 14.81 -14.03
N PRO A 73 4.20 14.93 -14.82
CA PRO A 73 4.04 14.77 -16.29
C PRO A 73 3.69 13.37 -16.75
N GLU A 74 3.82 12.37 -15.90
CA GLU A 74 3.43 11.00 -16.27
C GLU A 74 1.94 10.74 -16.16
N GLN A 75 1.14 11.70 -15.68
CA GLN A 75 -0.30 11.49 -15.62
C GLN A 75 -0.88 11.24 -17.02
N HIS A 76 -1.78 10.27 -17.14
CA HIS A 76 -2.47 9.96 -18.39
C HIS A 76 -3.55 10.98 -18.63
N ASP A 77 -3.99 11.11 -19.91
CA ASP A 77 -5.12 12.01 -20.19
C ASP A 77 -6.39 11.62 -19.44
N ASN A 78 -6.55 10.35 -19.03
CA ASN A 78 -7.70 9.92 -18.25
C ASN A 78 -7.59 10.34 -16.78
N GLY A 79 -6.48 10.93 -16.39
CA GLY A 79 -6.31 11.44 -15.03
C GLY A 79 -5.48 10.53 -14.14
N GLY A 80 -5.13 9.32 -14.61
CA GLY A 80 -4.57 8.29 -13.77
C GLY A 80 -3.08 8.02 -13.96
N TRP A 81 -2.56 7.18 -13.05
CA TRP A 81 -1.21 6.61 -13.14
C TRP A 81 -1.31 5.11 -13.05
N ASN A 82 -0.16 4.42 -13.25
CA ASN A 82 -0.20 2.94 -13.44
C ASN A 82 0.95 2.25 -12.72
N TYR A 83 0.91 0.91 -12.76
CA TYR A 83 2.06 0.14 -12.30
C TYR A 83 3.28 0.51 -13.11
N SER A 84 3.12 0.44 -14.44
CA SER A 84 4.10 0.91 -15.41
C SER A 84 3.32 0.98 -16.72
N GLU A 85 4.01 1.36 -17.80
CA GLU A 85 3.33 1.48 -19.10
C GLU A 85 2.75 0.14 -19.61
N VAL A 86 3.14 -0.98 -19.02
CA VAL A 86 2.59 -2.25 -19.46
C VAL A 86 1.16 -2.46 -19.00
N ALA A 87 0.64 -1.61 -18.10
CA ALA A 87 -0.64 -1.83 -17.47
C ALA A 87 -1.57 -0.63 -17.70
N PRO A 88 -2.89 -0.84 -17.68
CA PRO A 88 -3.83 0.28 -17.70
C PRO A 88 -3.72 1.05 -16.39
N GLU A 89 -4.11 2.34 -16.44
CA GLU A 89 -4.13 3.12 -15.20
C GLU A 89 -5.09 2.51 -14.17
N ASP A 90 -4.74 2.68 -12.89
CA ASP A 90 -5.54 2.04 -11.85
C ASP A 90 -5.68 2.97 -10.64
N ALA A 91 -6.74 2.72 -9.88
CA ALA A 91 -7.07 3.62 -8.76
C ALA A 91 -6.04 3.57 -7.66
N ASP A 92 -5.37 2.43 -7.44
CA ASP A 92 -4.42 2.42 -6.33
C ASP A 92 -3.17 3.26 -6.67
N SER A 93 -2.55 3.04 -7.83
CA SER A 93 -1.40 3.85 -8.22
C SER A 93 -1.75 5.35 -8.23
N THR A 94 -2.93 5.69 -8.78
CA THR A 94 -3.37 7.07 -8.80
C THR A 94 -3.49 7.60 -7.38
N GLY A 95 -4.06 6.78 -6.49
CA GLY A 95 -4.19 7.21 -5.09
C GLY A 95 -2.85 7.46 -4.43
N TRP A 96 -1.83 6.64 -4.70
CA TRP A 96 -0.52 6.91 -4.10
C TRP A 96 0.09 8.22 -4.61
N VAL A 97 -0.10 8.56 -5.91
CA VAL A 97 0.41 9.85 -6.40
C VAL A 97 -0.31 10.99 -5.72
N LEU A 98 -1.64 10.93 -5.66
CA LEU A 98 -2.38 12.02 -5.00
C LEU A 98 -2.06 12.09 -3.50
N ARG A 99 -1.78 10.96 -2.85
CA ARG A 99 -1.33 11.01 -1.46
C ARG A 99 0.00 11.75 -1.31
N LEU A 100 0.95 11.50 -2.21
CA LEU A 100 2.21 12.23 -2.17
C LEU A 100 1.95 13.73 -2.31
N ALA A 101 1.04 14.09 -3.23
CA ALA A 101 0.67 15.50 -3.36
C ALA A 101 0.09 16.06 -2.08
N GLU A 102 -0.79 15.32 -1.41
CA GLU A 102 -1.35 15.83 -0.13
C GLU A 102 -0.25 15.97 0.89
N LEU A 103 0.65 14.98 0.97
CA LEU A 103 1.72 15.08 1.97
C LEU A 103 2.60 16.32 1.73
N LEU A 104 2.74 16.73 0.47
CA LEU A 104 3.58 17.85 0.07
C LEU A 104 2.82 19.18 -0.02
N GLY A 105 1.53 19.20 0.23
CA GLY A 105 0.74 20.42 0.13
C GLY A 105 0.45 20.86 -1.27
N ARG A 106 0.57 19.95 -2.24
CA ARG A 106 0.47 20.30 -3.65
C ARG A 106 -0.82 19.81 -4.29
N SER A 107 -1.74 19.24 -3.50
CA SER A 107 -2.92 18.61 -4.08
C SER A 107 -4.00 19.58 -4.52
N GLY A 108 -3.80 20.91 -4.32
CA GLY A 108 -4.69 21.87 -4.96
C GLY A 108 -4.28 22.21 -6.39
N GLU A 109 -3.10 21.77 -6.85
CA GLU A 109 -2.77 22.14 -8.24
C GLU A 109 -3.76 21.54 -9.23
N PRO A 110 -4.00 22.17 -10.40
CA PRO A 110 -5.12 21.72 -11.23
C PRO A 110 -4.97 20.33 -11.82
N TRP A 111 -3.75 19.80 -11.97
CA TRP A 111 -3.64 18.41 -12.45
C TRP A 111 -4.27 17.43 -11.48
N ALA A 112 -4.46 17.82 -10.21
CA ALA A 112 -5.13 16.85 -9.32
C ALA A 112 -6.59 16.62 -9.70
N ARG A 113 -7.28 17.61 -10.30
CA ARG A 113 -8.70 17.42 -10.58
C ARG A 113 -8.99 16.20 -11.48
N PRO A 114 -8.32 16.03 -12.63
CA PRO A 114 -8.57 14.81 -13.43
C PRO A 114 -8.19 13.55 -12.67
N GLY A 115 -7.28 13.67 -11.69
CA GLY A 115 -7.02 12.54 -10.79
C GLY A 115 -8.19 12.23 -9.87
N TRP A 116 -8.78 13.26 -9.23
CA TRP A 116 -10.02 13.02 -8.47
C TRP A 116 -11.12 12.44 -9.34
N GLU A 117 -11.29 12.98 -10.56
CA GLU A 117 -12.33 12.46 -11.43
C GLU A 117 -12.07 11.01 -11.78
N PHE A 118 -10.81 10.68 -12.03
CA PHE A 118 -10.48 9.29 -12.31
C PHE A 118 -10.87 8.39 -11.14
N LEU A 119 -10.47 8.78 -9.91
CA LEU A 119 -10.85 7.99 -8.74
C LEU A 119 -12.35 7.86 -8.61
N ALA A 120 -13.11 8.99 -8.84
CA ALA A 120 -14.56 8.88 -8.69
C ALA A 120 -15.17 7.82 -9.63
N ARG A 121 -14.59 7.64 -10.83
CA ARG A 121 -15.10 6.60 -11.73
C ARG A 121 -15.00 5.21 -11.14
N HIS A 122 -14.10 5.01 -10.14
CA HIS A 122 -13.88 3.67 -9.57
C HIS A 122 -14.71 3.42 -8.35
N VAL A 123 -15.58 4.38 -7.96
CA VAL A 123 -16.39 4.22 -6.75
C VAL A 123 -17.67 3.47 -7.06
N HIS A 124 -17.87 2.37 -6.38
CA HIS A 124 -19.05 1.52 -6.53
C HIS A 124 -20.20 2.01 -5.65
N ASP A 125 -21.38 1.47 -5.94
CA ASP A 125 -22.56 1.88 -5.20
C ASP A 125 -22.52 1.44 -3.75
N ASP A 126 -21.74 0.42 -3.40
CA ASP A 126 -21.62 0.02 -2.00
C ASP A 126 -20.53 0.79 -1.28
N GLY A 127 -19.87 1.71 -1.98
CA GLY A 127 -18.87 2.54 -1.33
C GLY A 127 -17.46 2.05 -1.53
N LEU A 128 -17.27 0.80 -1.92
CA LEU A 128 -15.91 0.36 -2.21
C LEU A 128 -15.39 0.90 -3.54
N VAL A 129 -14.07 0.97 -3.64
CA VAL A 129 -13.35 1.46 -4.79
C VAL A 129 -12.72 0.28 -5.51
N SER A 130 -12.96 0.17 -6.82
CA SER A 130 -12.31 -0.89 -7.57
C SER A 130 -10.94 -0.43 -8.05
N THR A 131 -10.07 -1.43 -8.36
CA THR A 131 -8.77 -1.05 -8.89
C THR A 131 -8.87 -0.53 -10.34
N TYR A 132 -9.74 -1.16 -11.13
CA TYR A 132 -9.92 -0.82 -12.52
C TYR A 132 -11.41 -0.60 -12.80
N VAL A 133 -11.68 0.06 -13.94
CA VAL A 133 -13.03 0.22 -14.46
C VAL A 133 -13.04 -0.40 -15.84
N PRO A 134 -14.14 -1.02 -16.24
CA PRO A 134 -14.12 -1.73 -17.54
C PRO A 134 -13.88 -0.80 -18.71
N ASP A 135 -14.52 0.39 -18.72
CA ASP A 135 -14.40 1.20 -19.93
C ASP A 135 -12.98 1.74 -20.08
N LEU A 136 -12.37 2.22 -18.98
CA LEU A 136 -11.02 2.76 -19.07
C LEU A 136 -9.95 1.69 -19.28
N ALA A 137 -10.18 0.43 -18.85
CA ALA A 137 -9.19 -0.63 -18.97
C ALA A 137 -9.43 -1.47 -20.20
N LYS A 138 -10.48 -1.15 -20.97
CA LYS A 138 -10.96 -2.05 -22.03
C LYS A 138 -9.87 -2.42 -23.02
N ALA A 139 -9.09 -1.43 -23.45
CA ALA A 139 -8.08 -1.66 -24.48
C ALA A 139 -7.05 -2.66 -24.01
N ALA A 140 -6.60 -2.54 -22.77
CA ALA A 140 -5.60 -3.45 -22.25
C ALA A 140 -6.20 -4.84 -22.06
N PHE A 141 -7.40 -4.90 -21.49
CA PHE A 141 -8.03 -6.19 -21.23
C PHE A 141 -8.27 -6.97 -22.54
N ASP A 142 -8.66 -6.26 -23.60
CA ASP A 142 -8.96 -6.89 -24.89
C ASP A 142 -7.71 -7.49 -25.55
N ARG A 143 -6.53 -7.21 -25.03
CA ARG A 143 -5.32 -7.79 -25.59
C ARG A 143 -5.17 -9.26 -25.23
N TYR A 144 -5.95 -9.75 -24.27
CA TYR A 144 -5.85 -11.12 -23.76
C TYR A 144 -7.22 -11.77 -23.86
N PRO A 145 -7.67 -12.11 -25.08
CA PRO A 145 -9.04 -12.57 -25.25
C PRO A 145 -9.35 -13.90 -24.60
N VAL A 146 -8.34 -14.71 -24.20
CA VAL A 146 -8.67 -15.99 -23.59
C VAL A 146 -9.27 -15.76 -22.20
N VAL A 147 -8.90 -14.67 -21.54
CA VAL A 147 -9.47 -14.36 -20.23
C VAL A 147 -11.00 -14.28 -20.30
N PRO A 148 -11.72 -15.12 -19.57
CA PRO A 148 -13.18 -15.16 -19.73
C PRO A 148 -13.89 -13.98 -19.13
N SER A 149 -13.31 -13.32 -18.11
CA SER A 149 -13.99 -12.22 -17.47
C SER A 149 -12.96 -11.44 -16.64
N TRP A 150 -13.09 -10.10 -16.61
CA TRP A 150 -12.27 -9.22 -15.76
C TRP A 150 -13.08 -8.67 -14.59
N ASP A 151 -14.21 -9.28 -14.26
CA ASP A 151 -15.08 -8.75 -13.23
C ASP A 151 -14.45 -8.76 -11.82
N GLY A 152 -13.52 -9.68 -11.51
CA GLY A 152 -12.83 -9.61 -10.23
C GLY A 152 -12.06 -8.32 -10.11
N TRP A 153 -11.31 -7.97 -11.17
CA TRP A 153 -10.45 -6.80 -11.19
C TRP A 153 -11.23 -5.50 -11.19
N CYS A 154 -12.51 -5.55 -11.57
CA CYS A 154 -13.33 -4.34 -11.63
C CYS A 154 -14.32 -4.28 -10.50
N GLY A 155 -14.24 -5.21 -9.52
CA GLY A 155 -15.05 -5.18 -8.32
C GLY A 155 -14.42 -4.32 -7.25
N GLY A 156 -15.20 -4.07 -6.21
CA GLY A 156 -14.71 -3.27 -5.09
C GLY A 156 -13.61 -4.03 -4.36
N HIS A 157 -12.54 -3.30 -4.02
CA HIS A 157 -11.36 -3.93 -3.39
C HIS A 157 -11.12 -3.21 -2.07
N VAL A 158 -11.14 -3.97 -0.97
CA VAL A 158 -11.08 -3.31 0.34
C VAL A 158 -9.69 -2.71 0.58
N CYS A 159 -8.60 -3.32 0.08
CA CYS A 159 -7.27 -2.73 0.27
C CYS A 159 -7.08 -1.40 -0.46
N VAL A 160 -7.61 -1.31 -1.69
CA VAL A 160 -7.54 -0.05 -2.42
C VAL A 160 -8.44 0.97 -1.76
N THR A 161 -9.64 0.53 -1.34
CA THR A 161 -10.54 1.46 -0.64
C THR A 161 -9.88 1.97 0.63
N ALA A 162 -9.21 1.08 1.37
CA ALA A 162 -8.56 1.49 2.61
C ALA A 162 -7.52 2.56 2.36
N ALA A 163 -6.77 2.47 1.27
CA ALA A 163 -5.76 3.48 0.93
C ALA A 163 -6.42 4.79 0.50
N VAL A 164 -7.28 4.74 -0.52
CA VAL A 164 -7.74 6.03 -1.07
C VAL A 164 -8.69 6.79 -0.12
N ALA A 165 -9.33 6.09 0.82
CA ALA A 165 -10.21 6.75 1.78
C ALA A 165 -9.44 7.74 2.60
N GLY A 166 -8.12 7.63 2.67
CA GLY A 166 -7.32 8.61 3.44
C GLY A 166 -7.08 9.95 2.78
N LEU A 167 -7.46 10.06 1.49
CA LEU A 167 -7.27 11.31 0.74
C LEU A 167 -8.32 12.35 1.13
N ALA A 168 -7.83 13.47 1.66
CA ALA A 168 -8.74 14.54 2.03
C ALA A 168 -9.53 15.03 0.85
N GLY A 169 -8.96 14.93 -0.34
CA GLY A 169 -9.67 15.39 -1.52
C GLY A 169 -10.55 14.39 -2.21
N LEU A 170 -10.67 13.15 -1.67
CA LEU A 170 -11.41 12.13 -2.38
C LEU A 170 -12.86 12.56 -2.65
N PRO A 171 -13.33 12.50 -3.89
CA PRO A 171 -14.78 12.66 -4.12
C PRO A 171 -15.60 11.61 -3.40
N ARG A 172 -16.82 11.98 -3.03
CA ARG A 172 -17.73 11.01 -2.42
C ARG A 172 -17.13 10.36 -1.18
N ARG A 173 -16.36 11.12 -0.43
CA ARG A 173 -15.54 10.51 0.62
C ARG A 173 -16.40 9.92 1.71
N GLU A 174 -17.51 10.56 2.08
CA GLU A 174 -18.34 9.96 3.10
C GLU A 174 -18.89 8.61 2.68
N HIS A 175 -19.35 8.52 1.44
CA HIS A 175 -19.85 7.28 0.87
C HIS A 175 -18.76 6.19 0.92
N VAL A 176 -17.54 6.56 0.58
CA VAL A 176 -16.43 5.60 0.55
C VAL A 176 -16.06 5.17 1.97
N VAL A 177 -15.97 6.13 2.90
CA VAL A 177 -15.69 5.76 4.28
C VAL A 177 -16.77 4.82 4.82
N ASN A 178 -18.06 5.08 4.52
CA ASN A 178 -19.11 4.18 5.00
C ASN A 178 -18.93 2.78 4.45
N GLY A 179 -18.53 2.67 3.19
CA GLY A 179 -18.33 1.37 2.59
C GLY A 179 -17.14 0.67 3.22
N LEU A 180 -16.09 1.43 3.50
CA LEU A 180 -14.92 0.85 4.16
C LEU A 180 -15.28 0.33 5.55
N LEU A 181 -16.03 1.14 6.33
CA LEU A 181 -16.43 0.71 7.67
C LEU A 181 -17.29 -0.55 7.62
N ARG A 182 -18.19 -0.67 6.61
CA ARG A 182 -19.02 -1.87 6.53
C ARG A 182 -18.20 -3.11 6.17
N ALA A 183 -17.01 -2.95 5.58
CA ALA A 183 -16.19 -4.10 5.22
C ALA A 183 -15.32 -4.62 6.37
N GLN A 184 -15.28 -3.96 7.52
CA GLN A 184 -14.48 -4.46 8.63
C GLN A 184 -15.06 -5.76 9.14
N ARG A 185 -14.21 -6.73 9.41
CA ARG A 185 -14.70 -8.01 9.93
C ARG A 185 -14.97 -7.87 11.41
N PRO A 186 -15.81 -8.74 11.97
CA PRO A 186 -16.10 -8.66 13.42
C PRO A 186 -14.90 -8.88 14.29
N THR A 187 -13.86 -9.56 13.79
CA THR A 187 -12.64 -9.75 14.55
C THR A 187 -11.74 -8.51 14.51
N GLY A 188 -12.12 -7.46 13.76
CA GLY A 188 -11.46 -6.16 13.79
C GLY A 188 -10.57 -5.85 12.57
N GLU A 189 -10.21 -6.85 11.80
CA GLU A 189 -9.38 -6.59 10.63
C GLU A 189 -10.19 -6.33 9.39
N TRP A 190 -9.49 -5.79 8.39
CA TRP A 190 -10.07 -5.70 7.06
C TRP A 190 -9.38 -6.68 6.14
N PRO A 191 -10.10 -7.28 5.22
CA PRO A 191 -9.49 -8.15 4.23
C PRO A 191 -8.87 -7.34 3.11
N ALA A 192 -7.99 -7.98 2.34
CA ALA A 192 -7.30 -7.37 1.21
C ALA A 192 -7.61 -8.19 -0.02
N TYR A 193 -7.65 -7.53 -1.19
CA TYR A 193 -7.77 -8.27 -2.44
C TYR A 193 -6.40 -8.64 -2.98
N TRP A 194 -5.49 -7.67 -3.10
CA TRP A 194 -4.21 -7.88 -3.74
C TRP A 194 -3.12 -8.38 -2.81
N TRP A 195 -3.37 -8.51 -1.52
CA TRP A 195 -2.28 -8.78 -0.58
C TRP A 195 -2.59 -10.00 0.24
N ILE A 196 -1.53 -10.80 0.49
CA ILE A 196 -1.63 -11.99 1.34
C ILE A 196 -1.91 -11.61 2.80
N ASP A 197 -1.36 -10.50 3.26
CA ASP A 197 -1.39 -10.13 4.67
C ASP A 197 -2.53 -9.15 4.92
N PRO A 198 -3.55 -9.51 5.70
CA PRO A 198 -4.61 -8.54 6.03
C PRO A 198 -4.09 -7.41 6.88
N GLU A 199 -2.88 -7.54 7.45
CA GLU A 199 -2.29 -6.36 8.08
C GLU A 199 -2.19 -5.16 7.14
N LEU A 200 -2.02 -5.39 5.83
CA LEU A 200 -1.88 -4.26 4.92
C LEU A 200 -3.18 -3.49 4.82
N SER A 201 -4.31 -4.16 4.51
CA SER A 201 -5.58 -3.42 4.42
C SER A 201 -5.93 -2.81 5.76
N THR A 202 -5.62 -3.51 6.85
CA THR A 202 -6.00 -3.01 8.18
C THR A 202 -5.23 -1.76 8.54
N ALA A 203 -3.91 -1.77 8.34
CA ALA A 203 -3.10 -0.60 8.68
C ALA A 203 -3.49 0.60 7.83
N LEU A 204 -3.68 0.40 6.53
CA LEU A 204 -4.04 1.56 5.70
C LEU A 204 -5.41 2.07 6.08
N ALA A 205 -6.35 1.16 6.37
CA ALA A 205 -7.70 1.58 6.75
C ALA A 205 -7.66 2.45 8.01
N VAL A 206 -6.93 2.01 9.04
CA VAL A 206 -7.01 2.80 10.26
C VAL A 206 -6.28 4.12 10.13
N GLU A 207 -5.17 4.18 9.39
CA GLU A 207 -4.51 5.44 9.17
C GLU A 207 -5.40 6.38 8.34
N SER A 208 -6.05 5.84 7.30
CA SER A 208 -6.98 6.67 6.53
C SER A 208 -8.13 7.18 7.37
N LEU A 209 -8.70 6.30 8.21
CA LEU A 209 -9.91 6.64 8.98
C LEU A 209 -9.58 7.55 10.13
N ALA A 210 -8.32 7.65 10.53
CA ALA A 210 -7.96 8.53 11.65
C ALA A 210 -8.25 9.96 11.31
N THR A 211 -8.50 10.23 10.04
CA THR A 211 -8.61 11.56 9.52
C THR A 211 -10.09 11.97 9.37
N VAL A 212 -11.01 11.13 9.88
CA VAL A 212 -12.48 11.27 9.77
C VAL A 212 -13.24 11.00 11.05
N PRO A 213 -14.24 11.81 11.43
CA PRO A 213 -14.95 11.54 12.67
C PRO A 213 -15.86 10.33 12.53
N GLY A 214 -16.18 9.74 13.69
CA GLY A 214 -17.04 8.59 13.66
C GLY A 214 -16.37 7.23 13.45
N THR A 215 -15.06 7.19 13.35
CA THR A 215 -14.36 5.96 13.04
C THR A 215 -13.57 5.43 14.21
N GLU A 216 -13.67 6.07 15.40
CA GLU A 216 -12.89 5.58 16.52
C GLU A 216 -13.24 4.15 16.94
N PRO A 217 -14.52 3.71 16.97
CA PRO A 217 -14.78 2.32 17.34
C PRO A 217 -14.07 1.34 16.39
N ALA A 218 -14.15 1.57 15.09
CA ALA A 218 -13.48 0.69 14.11
C ALA A 218 -11.97 0.66 14.37
N ARG A 219 -11.38 1.83 14.62
CA ARG A 219 -9.91 1.90 14.85
C ARG A 219 -9.53 1.18 16.14
N ALA A 220 -10.34 1.32 17.20
CA ALA A 220 -10.02 0.66 18.48
C ALA A 220 -10.10 -0.87 18.31
N ALA A 221 -11.08 -1.35 17.55
CA ALA A 221 -11.24 -2.81 17.33
C ALA A 221 -10.06 -3.34 16.50
N ALA A 222 -9.66 -2.57 15.48
CA ALA A 222 -8.53 -3.00 14.62
C ALA A 222 -7.23 -3.01 15.42
N ALA A 223 -7.04 -2.04 16.30
CA ALA A 223 -5.79 -1.98 17.09
C ALA A 223 -5.70 -3.23 17.95
N ARG A 224 -6.83 -3.64 18.52
CA ARG A 224 -6.86 -4.83 19.36
C ARG A 224 -6.54 -6.08 18.54
N TRP A 225 -7.12 -6.20 17.33
CA TRP A 225 -6.78 -7.34 16.47
C TRP A 225 -5.27 -7.36 16.19
N ALA A 226 -4.73 -6.21 15.82
CA ALA A 226 -3.32 -6.14 15.43
C ALA A 226 -2.41 -6.45 16.62
N ALA A 227 -2.76 -5.97 17.83
CA ALA A 227 -1.88 -6.24 18.96
C ALA A 227 -1.77 -7.73 19.22
N GLY A 228 -2.83 -8.48 18.99
CA GLY A 228 -2.82 -9.92 19.19
C GLY A 228 -2.00 -10.68 18.16
N ARG A 229 -1.68 -10.03 17.02
CA ARG A 229 -0.88 -10.65 15.95
C ARG A 229 0.61 -10.60 16.26
N ILE A 230 1.02 -9.67 17.11
CA ILE A 230 2.42 -9.42 17.45
C ILE A 230 2.83 -10.39 18.55
N GLY A 231 3.84 -11.21 18.26
CA GLY A 231 4.28 -12.22 19.23
C GLY A 231 5.19 -11.63 20.28
N ALA A 232 5.60 -12.51 21.21
CA ALA A 232 6.38 -12.05 22.35
C ALA A 232 7.74 -11.50 21.93
N ASP A 233 8.29 -11.94 20.77
CA ASP A 233 9.52 -11.38 20.23
C ASP A 233 9.28 -10.17 19.34
N GLY A 234 8.02 -9.70 19.25
CA GLY A 234 7.72 -8.54 18.43
C GLY A 234 7.30 -8.87 17.01
N ALA A 235 7.45 -10.11 16.55
CA ALA A 235 7.25 -10.41 15.13
C ALA A 235 5.83 -10.85 14.85
N VAL A 236 5.33 -10.52 13.65
CA VAL A 236 4.15 -11.16 13.10
C VAL A 236 4.65 -12.25 12.16
N THR A 237 4.48 -13.51 12.53
CA THR A 237 4.91 -14.61 11.65
C THR A 237 3.80 -14.98 10.69
N THR A 238 4.20 -15.45 9.51
CA THR A 238 3.21 -15.83 8.46
C THR A 238 3.62 -17.15 7.81
N HIS A 239 2.75 -17.72 7.00
CA HIS A 239 3.10 -18.98 6.30
C HIS A 239 4.32 -18.76 5.40
N LEU A 240 4.36 -17.65 4.67
CA LEU A 240 5.49 -17.41 3.73
C LEU A 240 6.72 -16.88 4.45
N HIS A 241 6.54 -16.30 5.63
CA HIS A 241 7.69 -15.77 6.43
C HIS A 241 7.57 -16.31 7.85
N PRO A 242 7.82 -17.61 8.08
CA PRO A 242 7.69 -18.22 9.40
C PRO A 242 8.60 -17.67 10.51
N GLU A 243 9.59 -17.00 10.09
CA GLU A 243 10.54 -16.40 11.06
C GLU A 243 10.02 -15.02 11.49
N GLY A 244 9.08 -14.49 10.77
CA GLY A 244 8.55 -13.15 11.00
C GLY A 244 8.61 -12.38 9.71
N SER A 245 7.51 -11.72 9.36
CA SER A 245 7.44 -10.92 8.11
C SER A 245 7.72 -9.47 8.46
N PRO A 246 8.81 -8.84 7.97
CA PRO A 246 9.03 -7.44 8.24
C PRO A 246 7.83 -6.63 7.76
N PHE A 247 7.27 -6.97 6.60
CA PHE A 247 6.11 -6.22 6.09
C PHE A 247 4.93 -6.33 7.05
N ALA A 248 4.53 -7.56 7.40
CA ALA A 248 3.35 -7.70 8.25
C ALA A 248 3.59 -7.15 9.63
N THR A 249 4.83 -7.27 10.15
CA THR A 249 5.14 -6.75 11.48
C THR A 249 5.01 -5.23 11.50
N ALA A 250 5.56 -4.56 10.48
CA ALA A 250 5.46 -3.11 10.38
C ALA A 250 4.01 -2.66 10.27
N LEU A 251 3.22 -3.36 9.47
CA LEU A 251 1.83 -2.99 9.31
C LEU A 251 1.04 -3.25 10.57
N ALA A 252 1.31 -4.35 11.29
CA ALA A 252 0.58 -4.56 12.54
C ALA A 252 0.94 -3.47 13.54
N LEU A 253 2.23 -3.10 13.66
CA LEU A 253 2.63 -1.99 14.53
C LEU A 253 1.79 -0.75 14.23
N ARG A 254 1.67 -0.42 12.94
CA ARG A 254 0.97 0.81 12.55
C ARG A 254 -0.51 0.72 12.87
N ALA A 255 -1.13 -0.46 12.80
CA ALA A 255 -2.53 -0.60 13.17
C ALA A 255 -2.71 -0.45 14.69
N VAL A 256 -1.78 -0.99 15.47
CA VAL A 256 -1.89 -0.84 16.92
C VAL A 256 -1.85 0.63 17.28
N ALA A 257 -0.99 1.40 16.61
CA ALA A 257 -0.77 2.80 16.92
C ALA A 257 -2.02 3.65 16.68
N GLN A 258 -3.07 3.09 16.07
CA GLN A 258 -4.33 3.86 15.93
C GLN A 258 -5.37 3.53 16.98
N GLY A 259 -4.98 2.80 18.03
CA GLY A 259 -5.79 2.73 19.23
C GLY A 259 -5.78 4.02 20.00
N GLU A 260 -6.51 3.93 21.13
CA GLU A 260 -6.62 5.06 22.05
C GLU A 260 -5.28 5.37 22.72
N PRO A 261 -5.13 6.49 23.39
CA PRO A 261 -3.86 6.82 24.03
C PRO A 261 -3.36 5.71 24.95
N GLY A 262 -2.09 5.38 24.77
CA GLY A 262 -1.47 4.33 25.54
C GLY A 262 -1.76 2.91 25.10
N PHE A 263 -2.73 2.68 24.21
CA PHE A 263 -3.03 1.29 23.84
C PHE A 263 -1.86 0.65 23.08
N GLY A 264 -1.54 -0.59 23.44
CA GLY A 264 -0.52 -1.37 22.72
C GLY A 264 0.89 -0.82 22.83
N ASP A 265 1.19 -0.09 23.89
CA ASP A 265 2.55 0.46 24.08
C ASP A 265 3.59 -0.68 24.01
N ALA A 266 3.32 -1.77 24.71
CA ALA A 266 4.25 -2.92 24.78
C ALA A 266 4.43 -3.55 23.39
N GLN A 267 3.33 -3.79 22.69
CA GLN A 267 3.40 -4.45 21.37
C GLN A 267 4.14 -3.57 20.37
N ILE A 268 3.90 -2.26 20.41
CA ILE A 268 4.58 -1.34 19.47
C ILE A 268 6.08 -1.36 19.77
N ARG A 269 6.47 -1.27 21.04
CA ARG A 269 7.91 -1.27 21.36
C ARG A 269 8.54 -2.62 20.95
N ALA A 270 7.82 -3.71 21.19
CA ALA A 270 8.35 -5.05 20.83
C ALA A 270 8.50 -5.18 19.32
N ALA A 271 7.50 -4.75 18.56
CA ALA A 271 7.56 -4.85 17.08
C ALA A 271 8.67 -3.95 16.55
N ALA A 272 8.83 -2.76 17.12
CA ALA A 272 9.91 -1.86 16.66
C ALA A 272 11.27 -2.50 16.94
N GLY A 273 11.40 -3.15 18.10
CA GLY A 273 12.66 -3.83 18.44
C GLY A 273 12.94 -4.98 17.49
N TRP A 274 11.93 -5.78 17.19
CA TRP A 274 12.12 -6.87 16.22
C TRP A 274 12.57 -6.31 14.87
N LEU A 275 11.89 -5.26 14.37
CA LEU A 275 12.33 -4.66 13.11
C LEU A 275 13.74 -4.14 13.19
N THR A 276 14.11 -3.47 14.32
CA THR A 276 15.48 -2.98 14.42
C THR A 276 16.51 -4.11 14.41
N ARG A 277 16.20 -5.22 15.09
CA ARG A 277 17.14 -6.32 15.20
C ARG A 277 17.26 -7.04 13.87
N HIS A 278 16.24 -6.97 13.01
CA HIS A 278 16.25 -7.79 11.79
C HIS A 278 16.58 -7.00 10.52
N GLN A 279 16.93 -5.73 10.65
CA GLN A 279 17.37 -4.99 9.50
C GLN A 279 18.66 -5.62 8.94
N ARG A 280 18.71 -5.72 7.62
CA ARG A 280 19.88 -6.29 6.91
C ARG A 280 21.06 -5.32 6.97
N PRO A 281 22.28 -5.82 6.76
CA PRO A 281 23.46 -4.92 6.76
C PRO A 281 23.42 -3.82 5.73
N ASP A 282 22.67 -3.97 4.64
CA ASP A 282 22.56 -2.92 3.64
C ASP A 282 21.46 -1.89 3.93
N GLY A 283 20.78 -2.01 5.05
CA GLY A 283 19.77 -1.04 5.48
C GLY A 283 18.36 -1.44 5.10
N SER A 284 18.19 -2.50 4.31
CA SER A 284 16.85 -2.93 3.91
C SER A 284 16.36 -4.04 4.83
N TRP A 285 15.12 -4.52 4.57
CA TRP A 285 14.57 -5.71 5.23
C TRP A 285 14.23 -6.74 4.18
N THR A 286 14.12 -8.00 4.65
CA THR A 286 13.86 -9.11 3.73
C THR A 286 12.61 -8.81 2.92
N PRO A 287 12.65 -8.96 1.59
CA PRO A 287 11.45 -8.65 0.81
C PRO A 287 10.29 -9.52 1.27
N SER A 288 9.21 -8.85 1.63
CA SER A 288 8.09 -9.57 2.22
C SER A 288 6.78 -8.89 1.87
N ALA A 289 6.77 -7.99 0.90
CA ALA A 289 5.54 -7.31 0.50
C ALA A 289 4.86 -8.24 -0.53
N ARG A 290 4.15 -9.24 -0.02
CA ARG A 290 3.71 -10.37 -0.83
C ARG A 290 2.37 -10.03 -1.45
N LEU A 291 2.40 -9.79 -2.75
CA LEU A 291 1.28 -9.31 -3.54
C LEU A 291 0.71 -10.51 -4.27
N ARG A 292 -0.58 -10.77 -4.14
CA ARG A 292 -1.17 -11.86 -4.91
C ARG A 292 -1.86 -11.27 -6.15
N MET A 293 -1.38 -11.68 -7.31
CA MET A 293 -1.97 -11.22 -8.57
C MET A 293 -3.24 -12.06 -8.83
N VAL A 294 -4.34 -11.63 -8.21
CA VAL A 294 -5.59 -12.36 -8.31
C VAL A 294 -5.97 -12.53 -9.77
N LEU A 295 -6.56 -13.68 -10.07
CA LEU A 295 -6.95 -13.88 -11.45
C LEU A 295 -8.09 -12.91 -11.79
N PRO A 296 -8.15 -12.44 -13.03
CA PRO A 296 -9.10 -11.35 -13.39
C PRO A 296 -10.56 -11.66 -13.12
N TRP A 297 -10.96 -12.92 -13.18
CA TRP A 297 -12.34 -13.30 -12.98
C TRP A 297 -12.60 -13.74 -11.57
N GLU A 298 -11.57 -13.70 -10.70
CA GLU A 298 -11.73 -14.22 -9.35
C GLU A 298 -12.16 -13.11 -8.40
N THR A 299 -13.29 -13.33 -7.72
CA THR A 299 -13.78 -12.38 -6.73
C THR A 299 -13.48 -12.78 -5.30
N ASP A 300 -12.94 -13.96 -5.08
CA ASP A 300 -12.76 -14.47 -3.72
C ASP A 300 -11.38 -15.07 -3.58
N PRO A 301 -10.31 -14.25 -3.70
CA PRO A 301 -8.97 -14.85 -3.66
C PRO A 301 -8.64 -15.58 -2.37
N ASP A 302 -9.29 -15.26 -1.24
CA ASP A 302 -9.02 -16.05 -0.03
C ASP A 302 -9.37 -17.52 -0.22
N SER A 303 -10.23 -17.84 -1.18
CA SER A 303 -10.58 -19.25 -1.40
C SER A 303 -9.62 -19.98 -2.31
N TYR A 304 -8.70 -19.30 -2.97
CA TYR A 304 -7.85 -19.94 -3.95
C TYR A 304 -6.65 -20.52 -3.22
N GLU A 305 -6.35 -21.78 -3.51
CA GLU A 305 -5.21 -22.46 -2.87
C GLU A 305 -4.10 -22.79 -3.84
N ASP A 306 -4.24 -22.48 -5.11
CA ASP A 306 -3.33 -22.98 -6.10
C ASP A 306 -2.43 -21.90 -6.68
N TRP A 307 -2.12 -20.88 -5.86
CA TRP A 307 -1.20 -19.85 -6.31
C TRP A 307 0.12 -20.46 -6.76
N THR A 308 0.70 -19.89 -7.80
CA THR A 308 2.11 -20.06 -8.12
C THR A 308 2.89 -18.97 -7.41
N PHE A 309 4.20 -18.99 -7.53
CA PHE A 309 5.05 -18.01 -6.86
C PHE A 309 6.04 -17.38 -7.80
N ASP A 310 6.19 -16.06 -7.67
CA ASP A 310 7.20 -15.28 -8.43
C ASP A 310 7.04 -15.46 -9.94
N GLY A 311 5.82 -15.61 -10.42
CA GLY A 311 5.57 -15.72 -11.86
C GLY A 311 5.81 -14.38 -12.55
N VAL A 312 6.22 -14.43 -13.81
CA VAL A 312 6.49 -13.20 -14.61
C VAL A 312 5.85 -13.36 -15.99
N GLY A 313 5.67 -12.25 -16.71
CA GLY A 313 5.06 -12.27 -18.05
C GLY A 313 3.69 -12.93 -18.03
N ARG A 314 3.51 -13.96 -18.88
CA ARG A 314 2.24 -14.70 -18.98
C ARG A 314 1.86 -15.34 -17.64
N ALA A 315 2.85 -15.83 -16.88
CA ALA A 315 2.60 -16.48 -15.59
C ALA A 315 2.45 -15.49 -14.43
N CYS A 316 2.37 -14.18 -14.67
CA CYS A 316 2.18 -13.25 -13.53
C CYS A 316 0.75 -13.40 -12.97
N LEU A 317 -0.22 -13.73 -13.81
CA LEU A 317 -1.61 -13.90 -13.29
C LEU A 317 -1.67 -15.16 -12.42
N GLY A 318 -2.24 -15.07 -11.23
CA GLY A 318 -2.40 -16.26 -10.41
C GLY A 318 -1.17 -16.56 -9.58
N THR A 319 -0.25 -15.61 -9.47
CA THR A 319 0.98 -15.82 -8.73
C THR A 319 0.99 -14.93 -7.48
N ILE A 320 1.75 -15.39 -6.49
CA ILE A 320 2.11 -14.54 -5.34
C ILE A 320 3.50 -14.03 -5.58
N ALA A 321 3.65 -12.71 -5.66
CA ALA A 321 4.91 -12.06 -6.02
C ALA A 321 5.49 -11.41 -4.79
N ARG A 322 6.74 -10.98 -4.92
CA ARG A 322 7.39 -10.21 -3.87
C ARG A 322 8.04 -8.99 -4.48
N ASP A 323 8.31 -8.00 -3.63
CA ASP A 323 9.04 -6.82 -4.03
C ASP A 323 10.50 -7.18 -4.20
N THR A 324 10.84 -7.57 -5.44
CA THR A 324 12.14 -8.13 -5.82
C THR A 324 13.34 -7.43 -5.19
N PHE A 325 13.31 -6.10 -5.16
CA PHE A 325 14.47 -5.32 -4.74
C PHE A 325 14.35 -4.80 -3.32
N GLY A 326 13.24 -5.15 -2.61
CA GLY A 326 13.09 -4.80 -1.21
C GLY A 326 12.74 -3.35 -0.94
N LEU A 327 12.38 -2.60 -1.99
CA LEU A 327 12.10 -1.16 -1.73
C LEU A 327 10.73 -1.01 -1.06
N HIS A 328 9.73 -1.78 -1.50
CA HIS A 328 8.42 -1.61 -0.90
C HIS A 328 8.44 -2.02 0.55
N THR A 329 9.08 -3.15 0.84
CA THR A 329 9.18 -3.59 2.26
C THR A 329 9.90 -2.56 3.09
N THR A 330 11.03 -2.07 2.61
CA THR A 330 11.82 -1.15 3.41
C THR A 330 11.04 0.14 3.66
N ALA A 331 10.37 0.65 2.62
CA ALA A 331 9.58 1.87 2.84
C ALA A 331 8.50 1.62 3.88
N THR A 332 7.79 0.48 3.77
CA THR A 332 6.75 0.14 4.73
C THR A 332 7.30 0.08 6.15
N VAL A 333 8.46 -0.53 6.35
CA VAL A 333 9.07 -0.63 7.65
C VAL A 333 9.46 0.76 8.16
N LEU A 334 10.07 1.59 7.31
CA LEU A 334 10.45 2.93 7.80
C LEU A 334 9.22 3.70 8.25
N GLN A 335 8.09 3.56 7.55
CA GLN A 335 6.88 4.26 8.00
C GLN A 335 6.49 3.78 9.39
N ALA A 336 6.59 2.49 9.65
CA ALA A 336 6.27 1.97 10.99
C ALA A 336 7.25 2.49 12.03
N LEU A 337 8.54 2.52 11.69
CA LEU A 337 9.52 2.96 12.71
C LEU A 337 9.28 4.42 13.07
N ARG A 338 8.90 5.24 12.09
CA ARG A 338 8.60 6.66 12.36
C ARG A 338 7.39 6.73 13.31
N THR A 339 6.38 5.91 13.06
CA THR A 339 5.17 5.87 13.90
C THR A 339 5.53 5.45 15.34
N ALA A 340 6.42 4.47 15.48
CA ALA A 340 6.80 4.01 16.83
C ALA A 340 7.52 5.14 17.58
N ALA A 341 8.39 5.87 16.89
CA ALA A 341 9.16 6.97 17.51
C ALA A 341 8.21 8.05 18.05
N THR A 342 7.15 8.36 17.29
CA THR A 342 6.19 9.41 17.69
C THR A 342 5.19 8.87 18.71
#